data_1U91
#
_entry.id   1U91
#
_cell.length_a   58.000
_cell.length_b   65.000
_cell.length_c   175.900
_cell.angle_alpha   90.00
_cell.angle_beta   90.00
_cell.angle_gamma   90.00
#
_symmetry.space_group_name_H-M   'P 21 21 21'
#
loop_
_entity.id
_entity.type
_entity.pdbx_description
1 polymer 'ANTIBODY 2F5 (LIGHT CHAIN)'
2 polymer 'ANTIBODY 2F5 (HEAVY CHAIN)'
3 polymer 'GP41 PEPTIDE ANALOG'
4 water water
#
loop_
_entity_poly.entity_id
_entity_poly.type
_entity_poly.pdbx_seq_one_letter_code
_entity_poly.pdbx_strand_id
1 'polypeptide(L)'
;ALQLTQSPSSLSASVGDRITITCRASQGVTSALAWYRQKPGSPPQLLIYDASSLESGVPSRFSGSGSGTEFTLTISTLRP
EDFATYYCQQLHFYPHTFGGGTRVDVRRTVAAPSVFIFPPSDEQLKSGTASVVCLLNNFYPREAKVQWKVDNALQSGNSQ
ESVTEQDSKDSTYSLSSTLTLSKADYEKHKVYECEVTHQGLSSPVTKSFNRGEC
;
A
2 'polypeptide(L)'
;RITLKESGPPLVKPTQTLTLTCSFSGFSLSDFGVGVGWIRQPPGKALEWLAIIYSDDDKRYSPSLNTRLTITKDTSKNQV
VLVMTRVSPVDTATYFCAHRRGPTTLFGVPIARGPVNAMDVWGQGITVTISSTSTKGPSVFPLAPSSKSTAGAAAALGCL
VKDYFPEPVTVSWNSGALTSGVHTFPAVLQSSGLYSLSSVVTVPSSSLGTQTYTCNVNHKPSNTKVDKRVEPKSC
;
B
3 'polypeptide(L)' ENDKWAS C
#
# COMPACT_ATOMS: atom_id res chain seq x y z
N ALA A 1 14.75 -16.36 -8.64
CA ALA A 1 13.91 -16.49 -9.87
C ALA A 1 13.96 -15.30 -10.83
N LEU A 2 13.08 -15.38 -11.83
CA LEU A 2 12.91 -14.38 -12.88
C LEU A 2 12.58 -13.03 -12.26
N GLN A 3 13.22 -11.99 -12.76
CA GLN A 3 13.02 -10.66 -12.26
C GLN A 3 12.30 -9.79 -13.30
N LEU A 4 11.33 -9.00 -12.85
CA LEU A 4 10.60 -8.06 -13.72
C LEU A 4 10.78 -6.69 -13.13
N THR A 5 11.49 -5.83 -13.84
CA THR A 5 11.76 -4.49 -13.34
C THR A 5 10.95 -3.43 -14.07
N GLN A 6 10.10 -2.65 -13.39
CA GLN A 6 9.32 -1.60 -14.10
C GLN A 6 10.05 -0.28 -14.07
N SER A 7 9.89 0.56 -15.09
CA SER A 7 10.49 1.89 -15.05
C SER A 7 9.50 2.83 -15.68
N PRO A 8 9.33 4.05 -15.09
CA PRO A 8 10.05 4.44 -13.87
C PRO A 8 9.19 3.90 -12.75
N SER A 9 9.70 3.92 -11.53
CA SER A 9 8.88 3.44 -10.44
C SER A 9 7.74 4.44 -10.17
N SER A 10 7.99 5.73 -10.41
CA SER A 10 7.00 6.77 -10.17
C SER A 10 7.06 7.74 -11.36
N LEU A 11 5.96 8.38 -11.70
CA LEU A 11 5.96 9.25 -12.87
C LEU A 11 4.93 10.29 -12.70
N SER A 12 5.26 11.55 -13.00
CA SER A 12 4.23 12.61 -12.88
C SER A 12 3.74 13.02 -14.27
N ALA A 13 2.48 13.40 -14.38
CA ALA A 13 1.95 13.74 -15.68
C ALA A 13 0.69 14.55 -15.56
N SER A 14 0.19 15.08 -16.67
CA SER A 14 -1.03 15.85 -16.62
C SER A 14 -2.03 15.26 -17.60
N VAL A 15 -3.30 15.56 -17.41
CA VAL A 15 -4.35 15.09 -18.28
C VAL A 15 -3.98 15.51 -19.72
N GLY A 16 -4.10 14.58 -20.66
CA GLY A 16 -3.74 14.85 -22.03
C GLY A 16 -2.33 14.40 -22.33
N ASP A 17 -1.49 14.12 -21.35
CA ASP A 17 -0.15 13.67 -21.76
C ASP A 17 -0.12 12.23 -22.35
N ARG A 18 1.01 11.90 -22.96
CA ARG A 18 1.25 10.60 -23.49
C ARG A 18 2.30 10.06 -22.56
N ILE A 19 2.07 8.91 -21.95
CA ILE A 19 3.09 8.36 -21.09
C ILE A 19 3.41 6.95 -21.51
N THR A 20 4.60 6.48 -21.16
CA THR A 20 4.89 5.15 -21.53
C THR A 20 5.64 4.61 -20.34
N ILE A 21 5.27 3.39 -19.94
CA ILE A 21 5.82 2.70 -18.79
C ILE A 21 6.52 1.50 -19.39
N THR A 22 7.68 1.14 -18.89
CA THR A 22 8.34 -0.02 -19.47
C THR A 22 8.61 -1.13 -18.44
N CYS A 23 8.71 -2.38 -18.89
CA CYS A 23 8.92 -3.50 -17.99
C CYS A 23 9.96 -4.41 -18.65
N ARG A 24 11.00 -4.74 -17.93
CA ARG A 24 12.09 -5.57 -18.47
C ARG A 24 12.22 -6.84 -17.66
N ALA A 25 12.36 -7.96 -18.35
CA ALA A 25 12.48 -9.24 -17.68
C ALA A 25 13.92 -9.75 -17.71
N SER A 26 14.32 -10.45 -16.65
CA SER A 26 15.70 -10.96 -16.58
C SER A 26 16.02 -12.09 -17.57
N GLN A 27 14.99 -12.80 -18.03
CA GLN A 27 15.11 -13.88 -19.03
C GLN A 27 13.89 -13.65 -19.93
N GLY A 28 13.94 -14.13 -21.17
CA GLY A 28 12.83 -13.93 -22.10
C GLY A 28 11.54 -14.61 -21.68
N VAL A 29 10.43 -13.89 -21.78
CA VAL A 29 9.11 -14.42 -21.41
C VAL A 29 8.20 -14.48 -22.65
N THR A 30 8.80 -14.50 -23.84
CA THR A 30 8.06 -14.54 -25.09
C THR A 30 7.02 -13.43 -25.07
N SER A 31 5.76 -13.70 -25.41
CA SER A 31 4.75 -12.65 -25.38
C SER A 31 3.81 -12.78 -24.16
N ALA A 32 4.17 -13.63 -23.21
CA ALA A 32 3.30 -13.90 -22.06
C ALA A 32 3.43 -12.82 -20.98
N LEU A 33 2.85 -11.67 -21.25
CA LEU A 33 2.97 -10.55 -20.36
C LEU A 33 1.69 -9.76 -20.35
N ALA A 34 1.28 -9.34 -19.18
CA ALA A 34 0.02 -8.60 -19.10
C ALA A 34 0.23 -7.29 -18.37
N TRP A 35 -0.56 -6.27 -18.72
CA TRP A 35 -0.52 -4.99 -18.01
C TRP A 35 -1.81 -4.74 -17.29
N TYR A 36 -1.72 -4.14 -16.11
CA TYR A 36 -2.90 -3.82 -15.30
C TYR A 36 -2.82 -2.40 -14.76
N ARG A 37 -3.98 -1.84 -14.50
CA ARG A 37 -4.06 -0.53 -13.91
C ARG A 37 -4.81 -0.76 -12.58
N GLN A 38 -4.32 -0.19 -11.50
CA GLN A 38 -5.01 -0.38 -10.22
C GLN A 38 -5.22 0.98 -9.59
N LYS A 39 -6.46 1.31 -9.35
CA LYS A 39 -6.80 2.56 -8.73
C LYS A 39 -6.85 2.33 -7.24
N PRO A 40 -6.58 3.37 -6.45
CA PRO A 40 -6.61 3.18 -5.00
C PRO A 40 -7.92 2.52 -4.53
N GLY A 41 -7.79 1.61 -3.56
CA GLY A 41 -8.95 0.90 -3.02
C GLY A 41 -9.63 -0.14 -3.92
N SER A 42 -9.14 -0.33 -5.14
CA SER A 42 -9.75 -1.29 -6.04
C SER A 42 -8.79 -2.40 -6.48
N PRO A 43 -9.33 -3.48 -7.05
CA PRO A 43 -8.45 -4.56 -7.52
C PRO A 43 -7.76 -4.14 -8.84
N PRO A 44 -6.69 -4.81 -9.21
CA PRO A 44 -6.06 -4.44 -10.47
C PRO A 44 -7.04 -4.72 -11.62
N GLN A 45 -6.98 -3.97 -12.72
CA GLN A 45 -7.86 -4.24 -13.85
C GLN A 45 -6.98 -4.50 -15.07
N LEU A 46 -7.30 -5.58 -15.77
CA LEU A 46 -6.56 -6.00 -16.97
C LEU A 46 -6.71 -4.96 -18.10
N LEU A 47 -5.61 -4.52 -18.68
CA LEU A 47 -5.64 -3.57 -19.79
C LEU A 47 -5.21 -4.29 -21.07
N ILE A 48 -4.07 -4.96 -21.02
CA ILE A 48 -3.42 -5.60 -22.16
C ILE A 48 -2.97 -7.00 -21.77
N TYR A 49 -3.32 -7.99 -22.60
CA TYR A 49 -2.92 -9.39 -22.38
C TYR A 49 -2.05 -9.85 -23.55
N ASP A 50 -1.21 -10.84 -23.29
CA ASP A 50 -0.36 -11.39 -24.36
C ASP A 50 0.47 -10.26 -24.99
N ALA A 51 1.09 -9.41 -24.16
CA ALA A 51 1.96 -8.26 -24.57
C ALA A 51 1.35 -7.13 -25.37
N SER A 52 0.43 -7.44 -26.28
CA SER A 52 -0.11 -6.35 -27.06
C SER A 52 -1.59 -6.41 -27.35
N SER A 53 -2.31 -7.47 -26.95
CA SER A 53 -3.75 -7.52 -27.29
C SER A 53 -4.57 -6.62 -26.36
N LEU A 54 -5.51 -5.85 -26.93
CA LEU A 54 -6.29 -4.96 -26.12
C LEU A 54 -7.41 -5.74 -25.49
N GLU A 55 -7.52 -5.70 -24.17
CA GLU A 55 -8.58 -6.43 -23.49
C GLU A 55 -9.92 -5.80 -23.83
N SER A 56 -10.93 -6.65 -23.97
CA SER A 56 -12.25 -6.21 -24.31
C SER A 56 -12.86 -5.21 -23.32
N GLY A 57 -13.32 -4.07 -23.83
CA GLY A 57 -13.93 -3.07 -22.97
C GLY A 57 -12.92 -2.09 -22.44
N VAL A 58 -11.64 -2.29 -22.80
CA VAL A 58 -10.61 -1.37 -22.35
C VAL A 58 -10.45 -0.27 -23.42
N PRO A 59 -10.41 0.98 -22.99
CA PRO A 59 -10.27 2.10 -23.96
C PRO A 59 -9.04 2.06 -24.84
N SER A 60 -9.25 2.47 -26.09
CA SER A 60 -8.20 2.41 -27.08
C SER A 60 -6.98 3.27 -26.83
N ARG A 61 -7.03 4.24 -25.93
CA ARG A 61 -5.80 5.00 -25.66
C ARG A 61 -4.71 4.12 -25.04
N PHE A 62 -5.06 2.92 -24.61
CA PHE A 62 -4.04 2.05 -24.00
C PHE A 62 -3.45 1.17 -25.04
N SER A 63 -2.14 1.07 -25.03
CA SER A 63 -1.49 0.25 -26.00
C SER A 63 -0.29 -0.48 -25.42
N GLY A 64 -0.11 -1.73 -25.84
CA GLY A 64 1.06 -2.44 -25.37
C GLY A 64 1.89 -3.04 -26.51
N SER A 65 3.21 -2.97 -26.42
CA SER A 65 4.09 -3.56 -27.42
C SER A 65 5.32 -4.23 -26.77
N GLY A 66 6.10 -4.94 -27.58
CA GLY A 66 7.28 -5.64 -27.12
C GLY A 66 7.08 -7.13 -26.94
N SER A 67 8.19 -7.87 -26.82
CA SER A 67 8.21 -9.33 -26.59
C SER A 67 9.62 -9.72 -26.08
N GLY A 68 9.83 -10.92 -25.57
CA GLY A 68 11.16 -11.26 -25.08
C GLY A 68 11.49 -10.71 -23.69
N THR A 69 12.31 -9.67 -23.62
CA THR A 69 12.68 -9.09 -22.34
C THR A 69 12.29 -7.65 -22.14
N GLU A 70 11.72 -7.01 -23.15
CA GLU A 70 11.38 -5.62 -22.98
C GLU A 70 9.98 -5.27 -23.48
N PHE A 71 9.14 -4.70 -22.60
CA PHE A 71 7.79 -4.38 -22.93
C PHE A 71 7.47 -2.96 -22.50
N THR A 72 6.50 -2.39 -23.18
CA THR A 72 6.07 -1.03 -22.91
C THR A 72 4.55 -0.91 -23.01
N LEU A 73 4.01 -0.08 -22.14
CA LEU A 73 2.57 0.24 -22.10
C LEU A 73 2.55 1.73 -22.40
N THR A 74 1.74 2.18 -23.33
CA THR A 74 1.69 3.59 -23.47
C THR A 74 0.25 3.99 -23.41
N ILE A 75 -0.01 5.10 -22.76
CA ILE A 75 -1.36 5.61 -22.68
C ILE A 75 -1.16 6.84 -23.56
N SER A 76 -1.92 6.94 -24.65
CA SER A 76 -1.67 8.04 -25.58
C SER A 76 -2.19 9.40 -25.10
N THR A 77 -3.38 9.44 -24.50
CA THR A 77 -3.95 10.68 -23.98
C THR A 77 -4.45 10.41 -22.55
N LEU A 78 -3.60 10.68 -21.55
CA LEU A 78 -3.97 10.45 -20.14
C LEU A 78 -5.28 11.08 -19.70
N ARG A 79 -6.16 10.29 -19.12
CA ARG A 79 -7.45 10.79 -18.61
C ARG A 79 -7.36 10.81 -17.06
N PRO A 80 -8.24 11.55 -16.34
CA PRO A 80 -8.15 11.58 -14.87
C PRO A 80 -8.16 10.22 -14.18
N GLU A 81 -8.92 9.26 -14.69
CA GLU A 81 -8.95 7.95 -14.10
C GLU A 81 -7.63 7.17 -14.25
N ASP A 82 -6.67 7.70 -15.02
CA ASP A 82 -5.42 7.01 -15.23
C ASP A 82 -4.34 7.32 -14.19
N PHE A 83 -4.67 8.21 -13.25
CA PHE A 83 -3.74 8.57 -12.20
C PHE A 83 -3.92 7.34 -11.33
N ALA A 84 -2.88 6.52 -11.29
CA ALA A 84 -3.05 5.26 -10.60
C ALA A 84 -1.72 4.58 -10.63
N THR A 85 -1.71 3.32 -10.20
CA THR A 85 -0.48 2.51 -10.22
C THR A 85 -0.64 1.38 -11.26
N TYR A 86 0.36 1.21 -12.10
CA TYR A 86 0.33 0.22 -13.16
C TYR A 86 1.27 -0.93 -12.85
N TYR A 87 0.86 -2.15 -13.18
CA TYR A 87 1.73 -3.29 -12.98
C TYR A 87 1.87 -4.16 -14.20
N CYS A 88 3.04 -4.76 -14.42
CA CYS A 88 3.15 -5.73 -15.53
C CYS A 88 3.25 -7.09 -14.82
N GLN A 89 2.85 -8.18 -15.50
CA GLN A 89 2.91 -9.55 -14.99
C GLN A 89 3.38 -10.51 -16.08
N GLN A 90 4.30 -11.35 -15.73
CA GLN A 90 4.88 -12.31 -16.61
C GLN A 90 4.13 -13.65 -16.33
N LEU A 91 3.75 -14.40 -17.38
CA LEU A 91 3.08 -15.69 -17.23
C LEU A 91 3.72 -16.85 -18.04
N HIS A 92 4.99 -16.69 -18.36
CA HIS A 92 5.76 -17.70 -19.11
C HIS A 92 6.40 -18.74 -18.20
N PHE A 93 6.85 -18.29 -17.02
CA PHE A 93 7.53 -19.14 -16.03
C PHE A 93 6.85 -19.05 -14.68
N TYR A 94 6.83 -20.15 -13.92
CA TYR A 94 6.28 -20.14 -12.58
C TYR A 94 7.46 -19.79 -11.69
N PRO A 95 7.24 -18.94 -10.69
CA PRO A 95 5.96 -18.32 -10.38
C PRO A 95 5.71 -17.17 -11.37
N HIS A 96 4.43 -16.87 -11.58
CA HIS A 96 3.94 -15.80 -12.47
C HIS A 96 4.15 -14.38 -11.93
N THR A 97 5.39 -13.94 -11.84
CA THR A 97 5.78 -12.62 -11.33
C THR A 97 5.13 -11.32 -11.75
N PHE A 98 5.10 -10.40 -10.81
CA PHE A 98 4.58 -9.07 -11.05
C PHE A 98 5.74 -8.10 -10.93
N GLY A 99 5.69 -7.01 -11.69
CA GLY A 99 6.71 -5.99 -11.55
C GLY A 99 6.44 -5.16 -10.27
N GLY A 100 7.34 -4.25 -9.94
CA GLY A 100 7.20 -3.45 -8.70
C GLY A 100 6.15 -2.39 -8.78
N GLY A 101 5.63 -2.16 -9.97
CA GLY A 101 4.59 -1.13 -10.07
C GLY A 101 5.12 0.27 -10.44
N THR A 102 4.33 1.07 -11.15
CA THR A 102 4.74 2.41 -11.37
C THR A 102 3.55 3.29 -11.07
N ARG A 103 3.75 4.24 -10.17
CA ARG A 103 2.72 5.18 -9.70
C ARG A 103 2.64 6.37 -10.64
N VAL A 104 1.47 6.71 -11.12
CA VAL A 104 1.37 7.83 -12.02
C VAL A 104 0.54 8.84 -11.25
N ASP A 105 1.10 10.02 -10.98
CA ASP A 105 0.38 11.03 -10.20
C ASP A 105 0.32 12.43 -10.91
N VAL A 106 -0.52 13.32 -10.42
CA VAL A 106 -0.73 14.64 -11.00
C VAL A 106 0.54 15.49 -10.89
N ARG A 107 1.09 15.94 -12.01
CA ARG A 107 2.30 16.77 -11.94
C ARG A 107 1.96 18.17 -11.43
N ARG A 108 2.88 18.78 -10.73
CA ARG A 108 2.69 20.16 -10.23
C ARG A 108 4.12 20.59 -9.98
N THR A 109 4.30 21.80 -9.74
CA THR A 109 5.63 22.36 -9.53
C THR A 109 6.27 21.78 -8.27
N VAL A 110 7.58 21.73 -8.29
CA VAL A 110 8.30 21.21 -7.15
C VAL A 110 8.03 22.08 -5.93
N ALA A 111 7.78 21.43 -4.79
CA ALA A 111 7.53 22.13 -3.55
C ALA A 111 8.24 21.39 -2.43
N ALA A 112 9.12 22.09 -1.73
CA ALA A 112 9.87 21.51 -0.62
C ALA A 112 8.92 21.34 0.56
N PRO A 113 9.22 20.38 1.42
CA PRO A 113 8.32 20.19 2.59
C PRO A 113 8.56 21.21 3.68
N SER A 114 7.53 21.52 4.45
CA SER A 114 7.71 22.40 5.62
C SER A 114 7.94 21.28 6.66
N VAL A 115 9.04 21.34 7.39
CA VAL A 115 9.36 20.31 8.35
C VAL A 115 9.18 20.78 9.77
N PHE A 116 8.64 19.90 10.62
CA PHE A 116 8.38 20.16 12.04
C PHE A 116 8.75 18.93 12.86
N ILE A 117 9.33 19.13 14.05
CA ILE A 117 9.70 18.04 14.93
C ILE A 117 8.97 18.21 16.24
N PHE A 118 8.36 17.13 16.72
CA PHE A 118 7.57 17.17 17.91
C PHE A 118 8.18 16.27 18.96
N PRO A 119 8.46 16.81 20.18
CA PRO A 119 9.04 15.97 21.23
C PRO A 119 7.93 15.15 21.86
N PRO A 120 8.29 14.12 22.61
CA PRO A 120 7.20 13.34 23.20
C PRO A 120 6.52 14.13 24.34
N SER A 121 5.21 13.92 24.49
CA SER A 121 4.47 14.57 25.56
C SER A 121 4.87 13.99 26.93
N ASP A 122 4.82 14.84 27.94
CA ASP A 122 5.09 14.42 29.31
C ASP A 122 4.11 13.37 29.66
N GLU A 123 2.91 13.43 29.09
CA GLU A 123 1.90 12.44 29.40
C GLU A 123 2.35 11.05 28.90
N GLN A 124 2.90 10.99 27.69
CA GLN A 124 3.36 9.70 27.18
C GLN A 124 4.53 9.21 28.04
N LEU A 125 5.50 10.10 28.26
CA LEU A 125 6.67 9.73 29.07
C LEU A 125 6.31 9.02 30.40
N LYS A 126 5.26 9.48 31.09
CA LYS A 126 4.82 8.85 32.35
C LYS A 126 4.41 7.41 32.14
N SER A 127 4.05 7.04 30.91
CA SER A 127 3.67 5.66 30.67
C SER A 127 4.89 4.83 30.31
N GLY A 128 6.05 5.49 30.25
CA GLY A 128 7.27 4.75 29.94
C GLY A 128 7.74 4.71 28.48
N THR A 129 6.99 5.29 27.56
CA THR A 129 7.45 5.28 26.17
C THR A 129 7.64 6.70 25.65
N ALA A 130 8.47 6.85 24.64
CA ALA A 130 8.73 8.13 24.08
C ALA A 130 8.63 8.10 22.57
N SER A 131 7.67 8.87 22.03
CA SER A 131 7.51 8.97 20.59
C SER A 131 7.95 10.31 20.06
N VAL A 132 8.89 10.32 19.12
CA VAL A 132 9.30 11.57 18.56
C VAL A 132 8.74 11.56 17.16
N VAL A 133 7.93 12.56 16.81
CA VAL A 133 7.38 12.60 15.47
C VAL A 133 7.91 13.74 14.64
N CYS A 134 8.10 13.45 13.36
CA CYS A 134 8.59 14.42 12.41
C CYS A 134 7.57 14.55 11.35
N LEU A 135 7.24 15.79 10.99
CA LEU A 135 6.27 15.99 9.94
C LEU A 135 6.88 16.72 8.75
N LEU A 136 6.61 16.21 7.54
CA LEU A 136 7.03 16.82 6.27
C LEU A 136 5.69 17.16 5.66
N ASN A 137 5.37 18.45 5.60
CA ASN A 137 4.09 18.91 5.12
C ASN A 137 4.02 19.48 3.69
N ASN A 138 3.01 19.08 2.93
CA ASN A 138 2.81 19.57 1.54
C ASN A 138 4.05 19.67 0.63
N PHE A 139 4.64 18.55 0.24
CA PHE A 139 5.80 18.60 -0.66
C PHE A 139 5.49 17.90 -1.99
N TYR A 140 6.40 18.00 -2.95
CA TYR A 140 6.25 17.37 -4.27
C TYR A 140 7.59 17.50 -4.99
N PRO A 141 8.05 16.42 -5.65
CA PRO A 141 7.43 15.11 -5.79
C PRO A 141 7.39 14.26 -4.52
N ARG A 142 6.72 13.10 -4.61
CA ARG A 142 6.54 12.22 -3.49
C ARG A 142 7.77 11.69 -2.76
N GLU A 143 8.86 11.42 -3.49
CA GLU A 143 10.00 10.87 -2.83
C GLU A 143 10.66 11.85 -1.83
N ALA A 144 10.89 11.36 -0.61
CA ALA A 144 11.47 12.17 0.43
C ALA A 144 12.20 11.17 1.30
N LYS A 145 13.25 11.60 1.98
CA LYS A 145 14.00 10.73 2.85
C LYS A 145 14.19 11.41 4.22
N VAL A 146 13.81 10.68 5.25
CA VAL A 146 13.87 11.11 6.61
C VAL A 146 14.89 10.27 7.32
N GLN A 147 15.80 10.94 8.01
CA GLN A 147 16.83 10.26 8.79
C GLN A 147 16.85 10.76 10.24
N TRP A 148 16.60 9.89 11.19
CA TRP A 148 16.63 10.29 12.59
C TRP A 148 18.04 10.20 13.13
N LYS A 149 18.41 11.20 13.93
CA LYS A 149 19.70 11.22 14.59
C LYS A 149 19.47 11.60 16.06
N VAL A 150 20.12 10.89 16.96
CA VAL A 150 20.03 11.11 18.38
C VAL A 150 21.50 11.35 18.84
N ASP A 151 21.79 12.51 19.42
CA ASP A 151 23.17 12.80 19.83
C ASP A 151 24.13 12.35 18.68
N ASN A 152 23.74 12.69 17.46
CA ASN A 152 24.50 12.36 16.27
C ASN A 152 24.58 10.93 15.82
N ALA A 153 23.93 10.03 16.55
CA ALA A 153 23.96 8.63 16.12
C ALA A 153 22.83 8.48 15.13
N LEU A 154 23.14 7.81 14.03
CA LEU A 154 22.18 7.55 12.98
C LEU A 154 21.18 6.50 13.50
N GLN A 155 19.89 6.76 13.43
CA GLN A 155 18.95 5.77 13.97
C GLN A 155 18.50 4.77 12.90
N SER A 156 18.22 3.54 13.31
CA SER A 156 17.77 2.58 12.34
C SER A 156 16.92 1.49 12.99
N GLY A 157 15.85 1.12 12.33
CA GLY A 157 14.99 0.05 12.83
C GLY A 157 14.03 0.46 13.94
N ASN A 158 14.03 1.73 14.31
CA ASN A 158 13.14 2.18 15.40
C ASN A 158 12.16 3.32 15.03
N SER A 159 11.87 3.44 13.73
CA SER A 159 10.97 4.46 13.26
C SER A 159 10.02 3.89 12.22
N GLN A 160 8.89 4.54 12.03
CA GLN A 160 7.92 4.11 11.03
C GLN A 160 7.34 5.35 10.44
N GLU A 161 7.03 5.29 9.15
CA GLU A 161 6.44 6.45 8.49
C GLU A 161 5.27 6.05 7.59
N SER A 162 4.39 7.01 7.35
CA SER A 162 3.28 6.83 6.44
C SER A 162 3.12 8.15 5.64
N VAL A 163 2.57 8.05 4.43
CA VAL A 163 2.42 9.17 3.51
C VAL A 163 0.94 9.32 3.14
N THR A 164 0.42 10.54 3.08
CA THR A 164 -0.96 10.71 2.66
C THR A 164 -1.09 10.46 1.14
N GLU A 165 -2.30 10.32 0.65
CA GLU A 165 -2.50 10.18 -0.78
C GLU A 165 -2.37 11.61 -1.36
N GLN A 166 -2.06 11.74 -2.65
CA GLN A 166 -1.88 13.05 -3.28
C GLN A 166 -3.07 13.91 -2.98
N ASP A 167 -2.85 15.16 -2.56
CA ASP A 167 -3.98 16.02 -2.22
C ASP A 167 -4.76 16.42 -3.50
N SER A 168 -6.08 16.30 -3.52
CA SER A 168 -6.86 16.64 -4.73
C SER A 168 -6.85 18.13 -5.13
N LYS A 169 -6.46 19.03 -4.23
CA LYS A 169 -6.41 20.47 -4.56
C LYS A 169 -4.96 20.95 -4.78
N ASP A 170 -4.08 20.55 -3.86
CA ASP A 170 -2.64 20.86 -3.81
C ASP A 170 -1.77 20.12 -4.78
N SER A 171 -2.08 18.82 -4.90
CA SER A 171 -1.27 17.86 -5.65
C SER A 171 -0.01 17.57 -4.89
N THR A 172 0.04 17.92 -3.61
CA THR A 172 1.24 17.68 -2.79
C THR A 172 1.01 16.45 -1.88
N TYR A 173 2.06 15.98 -1.22
CA TYR A 173 1.96 14.86 -0.29
C TYR A 173 2.46 15.36 1.05
N SER A 174 2.13 14.62 2.11
CA SER A 174 2.63 14.94 3.44
C SER A 174 3.13 13.60 4.03
N LEU A 175 4.12 13.68 4.90
CA LEU A 175 4.69 12.46 5.47
C LEU A 175 4.93 12.62 6.98
N SER A 176 4.53 11.59 7.72
CA SER A 176 4.69 11.56 9.14
C SER A 176 5.64 10.45 9.50
N SER A 177 6.70 10.76 10.27
CA SER A 177 7.59 9.70 10.72
C SER A 177 7.72 9.70 12.26
N THR A 178 7.48 8.53 12.88
CA THR A 178 7.57 8.38 14.32
C THR A 178 8.82 7.59 14.78
N LEU A 179 9.66 8.22 15.61
CA LEU A 179 10.82 7.56 16.23
C LEU A 179 10.30 7.10 17.63
N THR A 180 10.46 5.81 17.96
CA THR A 180 9.98 5.31 19.22
C THR A 180 11.10 4.74 20.12
N LEU A 181 11.16 5.18 21.37
CA LEU A 181 12.21 4.69 22.26
C LEU A 181 11.61 4.50 23.62
N SER A 182 12.22 3.68 24.45
CA SER A 182 11.73 3.58 25.81
C SER A 182 12.00 4.94 26.52
N LYS A 183 11.25 5.21 27.58
CA LYS A 183 11.46 6.44 28.30
C LYS A 183 12.91 6.42 28.76
N ALA A 184 13.38 5.28 29.26
CA ALA A 184 14.78 5.20 29.71
C ALA A 184 15.80 5.63 28.67
N ASP A 185 15.77 5.02 27.49
CA ASP A 185 16.72 5.39 26.42
C ASP A 185 16.53 6.85 26.08
N TYR A 186 15.29 7.27 26.03
CA TYR A 186 15.02 8.65 25.70
C TYR A 186 15.83 9.55 26.60
N GLU A 187 15.76 9.27 27.88
CA GLU A 187 16.42 10.09 28.91
C GLU A 187 17.93 10.07 28.83
N LYS A 188 18.49 9.08 28.16
CA LYS A 188 19.94 9.02 28.07
C LYS A 188 20.55 9.86 26.97
N HIS A 189 19.78 10.71 26.31
CA HIS A 189 20.34 11.50 25.21
C HIS A 189 19.78 12.90 25.19
N LYS A 190 20.38 13.81 24.43
CA LYS A 190 19.85 15.17 24.41
C LYS A 190 19.36 15.71 23.07
N VAL A 191 20.16 15.57 22.01
CA VAL A 191 19.77 16.12 20.72
C VAL A 191 19.01 15.14 19.83
N TYR A 192 17.71 15.40 19.64
CA TYR A 192 16.84 14.58 18.81
C TYR A 192 16.67 15.36 17.52
N GLU A 193 17.11 14.77 16.41
CA GLU A 193 17.05 15.44 15.11
C GLU A 193 16.38 14.64 14.00
N CYS A 194 15.63 15.35 13.16
CA CYS A 194 14.96 14.78 12.01
C CYS A 194 15.61 15.45 10.77
N GLU A 195 16.38 14.68 10.01
CA GLU A 195 17.06 15.19 8.82
C GLU A 195 16.24 14.87 7.58
N VAL A 196 15.96 15.86 6.74
CA VAL A 196 15.12 15.62 5.58
C VAL A 196 15.74 15.93 4.24
N THR A 197 15.71 14.97 3.30
CA THR A 197 16.26 15.19 1.97
C THR A 197 15.09 15.16 1.01
N HIS A 198 15.09 16.12 0.08
CA HIS A 198 14.02 16.20 -0.89
C HIS A 198 14.47 17.03 -2.06
N GLN A 199 13.89 16.75 -3.22
CA GLN A 199 14.29 17.46 -4.40
C GLN A 199 14.16 18.97 -4.32
N GLY A 200 13.14 19.46 -3.63
CA GLY A 200 12.97 20.90 -3.51
C GLY A 200 13.88 21.59 -2.49
N LEU A 201 14.75 20.85 -1.85
CA LEU A 201 15.60 21.45 -0.85
C LEU A 201 17.00 21.46 -1.40
N SER A 202 17.58 22.66 -1.47
CA SER A 202 18.95 22.83 -1.95
C SER A 202 19.87 21.80 -1.25
N SER A 203 19.76 21.68 0.06
CA SER A 203 20.57 20.70 0.77
C SER A 203 19.62 20.25 1.88
N PRO A 204 19.95 19.17 2.58
CA PRO A 204 19.14 18.62 3.66
C PRO A 204 18.81 19.61 4.77
N VAL A 205 17.59 19.55 5.24
CA VAL A 205 17.23 20.44 6.30
C VAL A 205 17.11 19.59 7.58
N THR A 206 17.57 20.13 8.69
CA THR A 206 17.44 19.42 9.94
C THR A 206 16.63 20.23 10.96
N LYS A 207 15.65 19.58 11.60
CA LYS A 207 14.85 20.19 12.64
C LYS A 207 15.16 19.38 13.86
N SER A 208 15.46 20.04 14.97
CA SER A 208 15.76 19.35 16.20
C SER A 208 15.48 20.12 17.45
N PHE A 209 15.65 19.41 18.56
CA PHE A 209 15.48 19.94 19.89
C PHE A 209 16.39 19.22 20.88
N ASN A 210 16.64 19.87 22.02
CA ASN A 210 17.45 19.24 23.04
C ASN A 210 16.44 18.83 24.08
N ARG A 211 16.48 17.56 24.46
CA ARG A 211 15.56 17.02 25.45
C ARG A 211 15.72 17.76 26.78
N GLY A 212 14.58 17.97 27.43
CA GLY A 212 14.59 18.61 28.73
C GLY A 212 14.96 20.09 28.76
N GLU A 213 15.42 20.63 27.63
CA GLU A 213 15.76 22.04 27.66
C GLU A 213 14.46 22.76 27.94
N CYS A 214 14.39 23.72 28.93
CA CYS A 214 13.17 24.43 29.31
C CYS A 214 13.34 25.93 29.46
N ARG B 1 -20.99 -12.73 -17.92
CA ARG B 1 -20.25 -11.89 -16.92
C ARG B 1 -19.64 -12.75 -15.78
N ILE B 2 -18.33 -12.59 -15.66
CA ILE B 2 -17.58 -13.30 -14.67
C ILE B 2 -17.39 -12.44 -13.44
N THR B 3 -17.67 -12.99 -12.28
CA THR B 3 -17.39 -12.23 -11.09
C THR B 3 -16.79 -13.22 -10.06
N LEU B 4 -15.90 -12.72 -9.21
CA LEU B 4 -15.29 -13.50 -8.13
C LEU B 4 -15.36 -12.68 -6.89
N LYS B 5 -15.43 -13.36 -5.75
CA LYS B 5 -15.45 -12.72 -4.44
C LYS B 5 -14.78 -13.58 -3.35
N GLU B 6 -13.86 -12.94 -2.63
CA GLU B 6 -13.12 -13.57 -1.57
C GLU B 6 -13.84 -13.51 -0.22
N SER B 7 -13.73 -14.56 0.60
CA SER B 7 -14.31 -14.50 1.93
C SER B 7 -13.38 -15.27 2.90
N GLY B 8 -13.41 -14.91 4.18
CA GLY B 8 -12.60 -15.57 5.21
C GLY B 8 -12.52 -14.64 6.41
N PRO B 9 -11.68 -14.95 7.41
CA PRO B 9 -11.56 -14.10 8.59
C PRO B 9 -10.76 -12.81 8.35
N PRO B 10 -11.23 -11.66 8.87
CA PRO B 10 -10.47 -10.42 8.66
C PRO B 10 -9.28 -10.35 9.57
N LEU B 11 -9.36 -11.09 10.65
CA LEU B 11 -8.30 -11.08 11.63
C LEU B 11 -7.81 -12.45 11.95
N VAL B 12 -6.50 -12.62 12.03
CA VAL B 12 -5.97 -13.92 12.38
C VAL B 12 -4.75 -13.73 13.22
N LYS B 13 -4.53 -14.65 14.15
CA LYS B 13 -3.37 -14.58 15.05
C LYS B 13 -2.19 -15.39 14.54
N PRO B 14 -0.99 -14.92 14.85
CA PRO B 14 0.25 -15.56 14.46
C PRO B 14 0.19 -17.03 14.85
N THR B 15 0.86 -17.86 14.05
CA THR B 15 0.95 -19.32 14.09
C THR B 15 -0.34 -19.97 13.63
N GLN B 16 -1.43 -19.21 13.57
CA GLN B 16 -2.67 -19.83 13.15
C GLN B 16 -2.74 -20.14 11.65
N THR B 17 -3.79 -20.88 11.30
CA THR B 17 -4.06 -21.26 9.93
C THR B 17 -5.17 -20.39 9.34
N LEU B 18 -4.90 -19.88 8.14
CA LEU B 18 -5.81 -19.02 7.41
C LEU B 18 -6.36 -19.73 6.22
N THR B 19 -7.69 -19.79 6.14
CA THR B 19 -8.42 -20.41 5.05
C THR B 19 -9.24 -19.31 4.36
N LEU B 20 -8.98 -19.14 3.06
CA LEU B 20 -9.64 -18.14 2.25
C LEU B 20 -10.41 -18.86 1.16
N THR B 21 -11.64 -18.40 0.92
CA THR B 21 -12.50 -18.96 -0.08
C THR B 21 -12.80 -17.96 -1.22
N CYS B 22 -12.71 -18.43 -2.45
CA CYS B 22 -13.02 -17.62 -3.61
C CYS B 22 -14.26 -18.25 -4.17
N SER B 23 -15.38 -17.54 -4.18
CA SER B 23 -16.66 -18.10 -4.75
C SER B 23 -16.83 -17.31 -6.04
N PHE B 24 -17.15 -17.97 -7.15
CA PHE B 24 -17.27 -17.24 -8.41
C PHE B 24 -18.53 -17.65 -9.20
N SER B 25 -18.84 -16.89 -10.25
CA SER B 25 -19.99 -17.22 -11.11
C SER B 25 -19.60 -16.77 -12.53
N GLY B 26 -20.27 -17.27 -13.57
CA GLY B 26 -19.93 -16.92 -14.93
C GLY B 26 -18.99 -17.92 -15.64
N PHE B 27 -18.44 -18.88 -14.92
CA PHE B 27 -17.58 -19.88 -15.56
C PHE B 27 -17.56 -21.10 -14.64
N SER B 28 -17.05 -22.21 -15.13
CA SER B 28 -17.02 -23.36 -14.30
C SER B 28 -15.58 -23.82 -14.22
N LEU B 29 -15.14 -24.38 -13.10
CA LEU B 29 -13.78 -24.85 -13.05
C LEU B 29 -13.71 -26.20 -13.73
N SER B 30 -14.73 -26.51 -14.52
CA SER B 30 -14.68 -27.71 -15.30
C SER B 30 -14.54 -27.22 -16.76
N ASP B 31 -14.54 -25.91 -17.00
CA ASP B 31 -14.41 -25.47 -18.39
C ASP B 31 -12.96 -25.72 -18.82
N PHE B 32 -12.76 -25.93 -20.11
CA PHE B 32 -11.43 -26.23 -20.62
C PHE B 32 -10.33 -25.23 -20.31
N GLY B 33 -9.25 -25.73 -19.73
CA GLY B 33 -8.07 -24.95 -19.38
C GLY B 33 -8.22 -23.74 -18.48
N VAL B 34 -9.39 -23.55 -17.88
CA VAL B 34 -9.56 -22.39 -17.01
C VAL B 34 -8.70 -22.49 -15.72
N GLY B 35 -8.29 -21.34 -15.19
CA GLY B 35 -7.53 -21.28 -13.96
C GLY B 35 -8.11 -20.23 -13.00
N VAL B 36 -7.82 -20.41 -11.72
CA VAL B 36 -8.21 -19.46 -10.71
C VAL B 36 -6.90 -19.34 -9.87
N GLY B 37 -6.42 -18.13 -9.65
CA GLY B 37 -5.17 -17.93 -8.92
C GLY B 37 -5.46 -16.99 -7.75
N TRP B 38 -4.46 -16.82 -6.89
CA TRP B 38 -4.54 -15.99 -5.72
C TRP B 38 -3.33 -15.08 -5.76
N ILE B 39 -3.54 -13.80 -5.45
CA ILE B 39 -2.48 -12.81 -5.45
C ILE B 39 -2.69 -11.96 -4.18
N ARG B 40 -1.63 -11.48 -3.54
CA ARG B 40 -1.86 -10.70 -2.29
C ARG B 40 -1.16 -9.36 -2.44
N GLN B 41 -1.52 -8.44 -1.57
CA GLN B 41 -0.93 -7.10 -1.65
C GLN B 41 -0.81 -6.51 -0.24
N PRO B 42 0.36 -6.55 0.38
CA PRO B 42 0.52 -5.98 1.74
C PRO B 42 0.25 -4.46 1.62
N PRO B 43 -0.28 -3.82 2.68
CA PRO B 43 -0.56 -2.38 2.49
C PRO B 43 0.63 -1.54 1.98
N GLY B 44 0.36 -0.73 0.98
CA GLY B 44 1.38 0.10 0.37
C GLY B 44 2.39 -0.64 -0.48
N LYS B 45 2.32 -1.98 -0.54
CA LYS B 45 3.29 -2.72 -1.36
C LYS B 45 2.79 -3.18 -2.76
N ALA B 46 3.65 -3.90 -3.47
CA ALA B 46 3.40 -4.44 -4.81
C ALA B 46 2.56 -5.71 -4.74
N LEU B 47 2.06 -6.16 -5.89
CA LEU B 47 1.29 -7.39 -5.94
C LEU B 47 2.24 -8.55 -5.83
N GLU B 48 1.80 -9.61 -5.17
CA GLU B 48 2.63 -10.79 -5.03
C GLU B 48 1.82 -12.06 -5.38
N TRP B 49 2.32 -12.81 -6.36
CA TRP B 49 1.63 -14.00 -6.84
C TRP B 49 1.74 -15.11 -5.81
N LEU B 50 0.65 -15.84 -5.53
CA LEU B 50 0.67 -16.92 -4.54
C LEU B 50 0.50 -18.34 -5.07
N ALA B 51 -0.47 -18.53 -5.95
CA ALA B 51 -0.75 -19.86 -6.42
C ALA B 51 -1.85 -19.86 -7.49
N ILE B 52 -2.01 -20.97 -8.16
CA ILE B 52 -3.09 -21.03 -9.13
C ILE B 52 -3.50 -22.47 -9.28
N ILE B 53 -4.74 -22.69 -9.64
CA ILE B 53 -5.23 -24.07 -9.86
C ILE B 53 -6.06 -24.07 -11.15
N TYR B 54 -5.90 -25.12 -11.95
CA TYR B 54 -6.65 -25.23 -13.23
C TYR B 54 -7.74 -26.27 -13.14
N SER B 55 -8.68 -26.21 -14.09
CA SER B 55 -9.78 -27.16 -14.12
C SER B 55 -9.32 -28.64 -14.27
N ASP B 56 -8.17 -28.92 -14.88
CA ASP B 56 -7.70 -30.31 -14.96
C ASP B 56 -6.97 -30.67 -13.63
N ASP B 57 -7.05 -29.78 -12.65
CA ASP B 57 -6.52 -29.94 -11.32
C ASP B 57 -4.99 -29.85 -11.11
N ASP B 58 -4.26 -29.26 -12.05
CA ASP B 58 -2.81 -29.05 -11.90
C ASP B 58 -2.77 -27.88 -10.90
N LYS B 59 -1.80 -27.88 -9.99
CA LYS B 59 -1.66 -26.83 -8.96
C LYS B 59 -0.23 -26.30 -9.00
N ARG B 60 -0.02 -25.00 -8.74
CA ARG B 60 1.32 -24.45 -8.72
C ARG B 60 1.35 -23.40 -7.61
N TYR B 61 2.50 -23.30 -6.95
CA TYR B 61 2.65 -22.41 -5.82
C TYR B 61 3.89 -21.56 -5.91
N SER B 62 3.80 -20.41 -5.29
CA SER B 62 4.92 -19.55 -5.13
C SER B 62 6.01 -20.40 -4.41
N PRO B 63 7.24 -20.42 -4.90
CA PRO B 63 8.30 -21.21 -4.23
C PRO B 63 8.59 -20.70 -2.80
N SER B 64 8.56 -19.41 -2.61
CA SER B 64 8.77 -18.82 -1.29
C SER B 64 7.71 -19.21 -0.23
N LEU B 65 6.51 -19.61 -0.67
CA LEU B 65 5.44 -19.92 0.30
C LEU B 65 4.94 -21.36 0.18
N ASN B 66 5.56 -22.10 -0.72
CA ASN B 66 5.16 -23.44 -1.01
C ASN B 66 4.80 -24.28 0.22
N THR B 67 5.69 -24.32 1.21
CA THR B 67 5.42 -25.13 2.40
C THR B 67 4.19 -24.72 3.22
N ARG B 68 3.74 -23.47 3.10
CA ARG B 68 2.59 -23.04 3.92
C ARG B 68 1.26 -22.97 3.12
N LEU B 69 1.30 -23.18 1.80
CA LEU B 69 0.09 -23.07 1.01
C LEU B 69 -0.50 -24.36 0.48
N THR B 70 -1.83 -24.42 0.50
CA THR B 70 -2.54 -25.53 -0.12
C THR B 70 -3.68 -24.89 -0.94
N ILE B 71 -3.81 -25.22 -2.22
CA ILE B 71 -4.92 -24.64 -2.94
C ILE B 71 -5.77 -25.83 -3.38
N THR B 72 -7.08 -25.66 -3.37
CA THR B 72 -7.93 -26.78 -3.75
C THR B 72 -9.18 -26.28 -4.43
N LYS B 73 -9.90 -27.11 -5.17
CA LYS B 73 -11.11 -26.58 -5.74
C LYS B 73 -12.32 -27.39 -5.42
N ASP B 74 -13.49 -26.76 -5.46
CA ASP B 74 -14.71 -27.51 -5.26
C ASP B 74 -15.59 -27.09 -6.44
N THR B 75 -15.45 -27.86 -7.52
CA THR B 75 -16.08 -27.60 -8.78
C THR B 75 -17.56 -27.45 -8.73
N SER B 76 -18.21 -28.32 -7.96
CA SER B 76 -19.66 -28.28 -7.86
C SER B 76 -20.15 -27.10 -7.05
N LYS B 77 -19.31 -26.52 -6.17
CA LYS B 77 -19.75 -25.33 -5.42
C LYS B 77 -19.20 -24.03 -6.06
N ASN B 78 -18.46 -24.16 -7.16
CA ASN B 78 -17.82 -23.00 -7.80
C ASN B 78 -16.98 -22.24 -6.79
N GLN B 79 -16.11 -22.95 -6.10
CA GLN B 79 -15.23 -22.30 -5.15
C GLN B 79 -13.83 -22.85 -5.24
N VAL B 80 -12.88 -21.99 -4.87
CA VAL B 80 -11.46 -22.34 -4.82
C VAL B 80 -11.04 -21.90 -3.46
N VAL B 81 -10.35 -22.78 -2.75
CA VAL B 81 -9.91 -22.48 -1.40
C VAL B 81 -8.39 -22.48 -1.34
N LEU B 82 -7.85 -21.52 -0.61
CA LEU B 82 -6.43 -21.40 -0.40
C LEU B 82 -6.26 -21.42 1.13
N VAL B 83 -5.45 -22.36 1.59
CA VAL B 83 -5.14 -22.51 2.99
C VAL B 83 -3.69 -22.16 3.25
N MET B 84 -3.46 -21.19 4.12
CA MET B 84 -2.11 -20.78 4.46
C MET B 84 -1.88 -21.11 5.96
N THR B 85 -0.84 -21.87 6.25
CA THR B 85 -0.59 -22.27 7.62
C THR B 85 0.44 -21.39 8.24
N ARG B 86 0.52 -21.47 9.56
CA ARG B 86 1.56 -20.75 10.30
C ARG B 86 1.74 -19.28 9.87
N VAL B 87 0.66 -18.53 9.89
CA VAL B 87 0.82 -17.15 9.48
C VAL B 87 1.56 -16.34 10.49
N SER B 88 2.16 -15.25 10.02
CA SER B 88 2.87 -14.35 10.89
C SER B 88 2.44 -12.92 10.46
N PRO B 89 2.81 -11.89 11.21
CA PRO B 89 2.42 -10.51 10.85
C PRO B 89 2.69 -10.08 9.41
N VAL B 90 3.81 -10.50 8.81
CA VAL B 90 4.11 -10.12 7.42
C VAL B 90 3.09 -10.66 6.40
N ASP B 91 2.22 -11.57 6.85
CA ASP B 91 1.20 -12.07 5.97
C ASP B 91 -0.03 -11.10 5.97
N THR B 92 0.05 -9.97 6.68
CA THR B 92 -1.12 -9.10 6.62
C THR B 92 -1.11 -8.48 5.21
N ALA B 93 -2.24 -8.57 4.53
CA ALA B 93 -2.32 -8.10 3.16
C ALA B 93 -3.74 -8.16 2.70
N THR B 94 -4.00 -7.56 1.54
CA THR B 94 -5.30 -7.74 0.92
C THR B 94 -5.04 -8.95 -0.04
N TYR B 95 -5.91 -9.94 0.03
CA TYR B 95 -5.82 -11.18 -0.77
C TYR B 95 -6.86 -11.16 -1.88
N PHE B 96 -6.44 -11.33 -3.14
CA PHE B 96 -7.37 -11.36 -4.28
C PHE B 96 -7.35 -12.74 -4.97
N CYS B 97 -8.49 -13.21 -5.46
CA CYS B 97 -8.48 -14.41 -6.31
C CYS B 97 -8.79 -13.86 -7.71
N ALA B 98 -8.42 -14.59 -8.74
CA ALA B 98 -8.64 -14.07 -10.07
C ALA B 98 -8.78 -15.23 -11.10
N HIS B 99 -9.50 -14.92 -12.16
CA HIS B 99 -9.75 -15.82 -13.24
C HIS B 99 -8.68 -15.72 -14.29
N ARG B 100 -8.35 -16.87 -14.84
CA ARG B 100 -7.40 -16.98 -15.93
C ARG B 100 -8.11 -17.77 -17.05
N ARG B 101 -8.20 -17.19 -18.21
CA ARG B 101 -8.84 -17.84 -19.34
C ARG B 101 -8.05 -19.05 -19.80
N GLY B 102 -8.74 -20.00 -20.41
CA GLY B 102 -8.08 -21.16 -21.00
C GLY B 102 -7.93 -20.84 -22.51
N PRO B 103 -7.23 -21.62 -23.34
CA PRO B 103 -7.13 -21.27 -24.76
C PRO B 103 -8.47 -21.20 -25.48
N THR B 104 -8.55 -20.32 -26.47
CA THR B 104 -9.78 -20.27 -27.25
C THR B 104 -9.86 -21.58 -28.06
N THR B 105 -11.07 -22.10 -28.22
CA THR B 105 -11.30 -23.31 -28.98
C THR B 105 -12.27 -23.04 -30.17
N LEU B 106 -12.13 -23.85 -31.21
CA LEU B 106 -13.01 -23.70 -32.37
C LEU B 106 -13.45 -25.13 -32.58
N PHE B 107 -14.76 -25.34 -32.46
CA PHE B 107 -15.35 -26.68 -32.56
C PHE B 107 -14.50 -27.56 -31.63
N GLY B 108 -14.34 -27.09 -30.39
CA GLY B 108 -13.59 -27.85 -29.40
C GLY B 108 -12.19 -28.23 -29.84
N VAL B 109 -11.53 -27.27 -30.48
CA VAL B 109 -10.15 -27.48 -30.87
C VAL B 109 -9.40 -26.21 -30.44
N PRO B 110 -8.37 -26.36 -29.61
CA PRO B 110 -7.59 -25.22 -29.14
C PRO B 110 -6.89 -24.59 -30.34
N ILE B 111 -7.11 -23.29 -30.54
CA ILE B 111 -6.53 -22.56 -31.67
C ILE B 111 -5.80 -21.29 -31.28
N ALA B 112 -6.06 -20.78 -30.08
CA ALA B 112 -5.37 -19.56 -29.62
C ALA B 112 -4.99 -19.61 -28.15
N ARG B 113 -3.68 -19.50 -27.86
CA ARG B 113 -3.27 -19.50 -26.47
C ARG B 113 -3.00 -18.08 -25.92
N GLY B 114 -2.98 -17.07 -26.79
CA GLY B 114 -2.75 -15.72 -26.34
C GLY B 114 -3.71 -15.33 -25.20
N PRO B 115 -4.99 -15.72 -25.21
CA PRO B 115 -5.84 -15.30 -24.09
C PRO B 115 -5.47 -15.81 -22.68
N VAL B 116 -4.60 -16.81 -22.57
CA VAL B 116 -4.22 -17.26 -21.24
C VAL B 116 -3.19 -16.37 -20.64
N ASN B 117 -2.62 -15.46 -21.42
CA ASN B 117 -1.57 -14.64 -20.83
C ASN B 117 -2.02 -13.36 -20.11
N ALA B 118 -2.73 -13.57 -19.01
CA ALA B 118 -3.23 -12.49 -18.11
C ALA B 118 -4.18 -13.12 -17.11
N MET B 119 -4.45 -12.43 -16.00
CA MET B 119 -5.49 -12.87 -15.08
C MET B 119 -6.50 -11.75 -15.45
N ASP B 120 -7.57 -12.13 -16.16
CA ASP B 120 -8.54 -11.15 -16.72
C ASP B 120 -9.65 -10.56 -15.86
N VAL B 121 -10.06 -11.28 -14.80
CA VAL B 121 -11.11 -10.75 -13.91
C VAL B 121 -10.68 -11.04 -12.48
N TRP B 122 -10.81 -10.00 -11.67
CA TRP B 122 -10.39 -10.07 -10.28
C TRP B 122 -11.51 -9.89 -9.27
N GLY B 123 -11.35 -10.43 -8.07
CA GLY B 123 -12.35 -10.22 -7.05
C GLY B 123 -11.99 -8.87 -6.38
N GLN B 124 -12.90 -8.30 -5.61
CA GLN B 124 -12.64 -7.03 -4.92
C GLN B 124 -11.43 -7.13 -3.94
N GLY B 125 -11.17 -8.31 -3.39
CA GLY B 125 -10.05 -8.44 -2.47
C GLY B 125 -10.55 -8.48 -1.04
N ILE B 126 -9.89 -9.26 -0.20
CA ILE B 126 -10.29 -9.31 1.19
C ILE B 126 -9.07 -8.97 2.05
N THR B 127 -9.29 -8.02 2.95
CA THR B 127 -8.23 -7.54 3.84
C THR B 127 -8.05 -8.44 5.03
N VAL B 128 -6.85 -8.95 5.23
CA VAL B 128 -6.56 -9.82 6.36
C VAL B 128 -5.41 -9.23 7.21
N THR B 129 -5.68 -9.13 8.50
CA THR B 129 -4.69 -8.59 9.44
C THR B 129 -4.21 -9.70 10.36
N ILE B 130 -2.90 -9.84 10.47
CA ILE B 130 -2.36 -10.87 11.36
C ILE B 130 -1.73 -10.20 12.57
N SER B 131 -2.37 -10.39 13.72
CA SER B 131 -1.91 -9.81 14.97
C SER B 131 -2.43 -10.64 16.14
N SER B 132 -1.62 -10.74 17.20
CA SER B 132 -2.06 -11.47 18.38
C SER B 132 -2.85 -10.53 19.28
N THR B 133 -2.96 -9.23 18.95
CA THR B 133 -3.65 -8.28 19.81
C THR B 133 -5.15 -8.47 20.08
N SER B 134 -5.57 -8.10 21.18
CA SER B 134 -7.00 -8.10 21.53
C SER B 134 -7.48 -6.67 21.27
N THR B 135 -8.78 -6.51 21.13
CA THR B 135 -9.35 -5.18 20.95
C THR B 135 -8.78 -4.23 22.03
N LYS B 136 -8.42 -3.02 21.63
CA LYS B 136 -7.86 -2.05 22.58
C LYS B 136 -7.97 -0.59 22.12
N GLY B 137 -8.41 0.29 23.01
CA GLY B 137 -8.54 1.70 22.67
C GLY B 137 -7.21 2.44 22.68
N PRO B 138 -7.07 3.51 21.86
CA PRO B 138 -5.87 4.32 21.74
C PRO B 138 -5.60 5.25 22.92
N SER B 139 -4.33 5.60 23.11
CA SER B 139 -3.93 6.59 24.08
C SER B 139 -3.78 7.80 23.15
N VAL B 140 -4.22 8.97 23.56
CA VAL B 140 -4.08 10.09 22.67
C VAL B 140 -3.14 11.11 23.25
N PHE B 141 -2.09 11.46 22.52
CA PHE B 141 -1.14 12.42 23.05
C PHE B 141 -1.05 13.63 22.18
N PRO B 142 -0.68 14.79 22.76
CA PRO B 142 -0.58 16.04 21.97
C PRO B 142 0.68 16.12 21.18
N LEU B 143 0.60 16.78 20.04
CA LEU B 143 1.77 17.03 19.18
C LEU B 143 1.76 18.57 19.14
N ALA B 144 2.70 19.19 19.85
CA ALA B 144 2.74 20.66 19.87
C ALA B 144 4.06 21.23 19.42
N PRO B 145 3.98 22.37 18.69
CA PRO B 145 5.12 23.15 18.12
C PRO B 145 6.30 23.48 19.11
N GLY B 152 3.87 30.55 4.45
CA GLY B 152 5.10 29.82 4.68
C GLY B 152 5.43 29.65 6.17
N ALA B 153 5.07 30.71 6.92
CA ALA B 153 5.23 30.84 8.39
C ALA B 153 3.99 30.19 9.04
N ALA B 154 3.82 28.92 8.67
CA ALA B 154 2.75 28.09 9.12
C ALA B 154 3.25 27.42 10.39
N ALA B 155 2.32 27.09 11.27
CA ALA B 155 2.66 26.40 12.53
C ALA B 155 1.94 25.05 12.43
N ALA B 156 2.44 24.02 13.12
CA ALA B 156 1.78 22.71 13.05
C ALA B 156 1.50 22.10 14.40
N LEU B 157 0.39 21.40 14.50
CA LEU B 157 0.15 20.70 15.74
C LEU B 157 -0.69 19.48 15.43
N GLY B 158 -0.87 18.61 16.41
CA GLY B 158 -1.66 17.44 16.11
C GLY B 158 -1.89 16.56 17.31
N CYS B 159 -2.30 15.34 17.01
CA CYS B 159 -2.57 14.32 18.02
C CYS B 159 -1.97 13.00 17.48
N LEU B 160 -1.41 12.23 18.39
CA LEU B 160 -0.75 10.95 18.12
C LEU B 160 -1.68 9.99 18.75
N VAL B 161 -2.33 9.19 17.90
CA VAL B 161 -3.31 8.22 18.35
C VAL B 161 -2.57 6.90 18.45
N LYS B 162 -2.12 6.56 19.65
CA LYS B 162 -1.28 5.42 19.85
C LYS B 162 -1.76 4.13 20.49
N ASP B 163 -1.31 2.99 19.95
CA ASP B 163 -1.62 1.68 20.51
C ASP B 163 -3.05 1.22 20.56
N TYR B 164 -3.69 1.14 19.40
CA TYR B 164 -5.05 0.70 19.41
C TYR B 164 -5.19 -0.48 18.45
N PHE B 165 -6.30 -1.22 18.58
CA PHE B 165 -6.59 -2.35 17.73
C PHE B 165 -8.06 -2.73 17.85
N PRO B 166 -8.70 -3.09 16.72
CA PRO B 166 -8.10 -3.14 15.37
C PRO B 166 -8.42 -1.82 14.69
N GLU B 167 -8.19 -1.74 13.38
CA GLU B 167 -8.58 -0.55 12.62
C GLU B 167 -10.13 -0.62 12.59
N PRO B 168 -10.80 0.50 12.33
CA PRO B 168 -10.24 1.83 12.09
C PRO B 168 -10.45 2.73 13.25
N VAL B 169 -9.94 3.94 13.14
CA VAL B 169 -10.21 4.95 14.13
C VAL B 169 -10.62 6.21 13.31
N THR B 170 -11.47 7.09 13.87
CA THR B 170 -11.79 8.32 13.15
C THR B 170 -11.27 9.52 13.93
N VAL B 171 -10.75 10.51 13.22
CA VAL B 171 -10.25 11.71 13.85
C VAL B 171 -10.78 12.91 13.10
N SER B 172 -11.25 13.92 13.83
CA SER B 172 -11.67 15.14 13.20
C SER B 172 -11.06 16.25 14.09
N TRP B 173 -11.10 17.50 13.62
CA TRP B 173 -10.63 18.64 14.38
C TRP B 173 -11.82 19.59 14.64
N ASN B 174 -11.86 20.16 15.85
CA ASN B 174 -12.92 21.07 16.29
C ASN B 174 -14.28 20.57 15.90
N SER B 175 -14.59 19.36 16.36
CA SER B 175 -15.86 18.72 16.11
C SER B 175 -16.31 18.71 14.66
N GLY B 176 -15.34 18.80 13.74
CA GLY B 176 -15.68 18.79 12.34
C GLY B 176 -15.59 20.13 11.64
N ALA B 177 -15.37 21.21 12.38
CA ALA B 177 -15.29 22.54 11.80
C ALA B 177 -13.94 22.90 11.22
N LEU B 178 -12.91 22.17 11.65
CA LEU B 178 -11.60 22.45 11.13
C LEU B 178 -11.28 21.37 10.11
N THR B 179 -11.09 21.80 8.86
CA THR B 179 -10.77 20.88 7.77
C THR B 179 -9.57 21.35 6.93
N SER B 180 -9.45 22.65 6.71
CA SER B 180 -8.34 23.05 5.87
C SER B 180 -7.02 22.88 6.61
N GLY B 181 -6.04 22.28 5.94
CA GLY B 181 -4.74 22.07 6.54
C GLY B 181 -4.66 20.81 7.42
N VAL B 182 -5.72 20.01 7.42
CA VAL B 182 -5.73 18.81 8.22
C VAL B 182 -5.17 17.63 7.42
N HIS B 183 -4.27 16.86 8.01
CA HIS B 183 -3.75 15.64 7.39
C HIS B 183 -3.79 14.54 8.42
N THR B 184 -4.62 13.54 8.16
CA THR B 184 -4.70 12.40 9.04
C THR B 184 -3.99 11.26 8.26
N PHE B 185 -2.85 10.81 8.75
CA PHE B 185 -2.09 9.77 8.08
C PHE B 185 -2.61 8.37 8.28
N PRO B 186 -2.29 7.48 7.32
CA PRO B 186 -2.74 6.09 7.47
C PRO B 186 -1.92 5.54 8.65
N ALA B 187 -2.56 4.70 9.42
CA ALA B 187 -1.96 4.04 10.60
C ALA B 187 -0.89 3.04 10.15
N VAL B 188 0.08 2.81 11.02
CA VAL B 188 1.12 1.82 10.78
C VAL B 188 0.83 0.74 11.83
N LEU B 189 1.10 -0.51 11.49
CA LEU B 189 0.89 -1.64 12.38
C LEU B 189 2.26 -1.80 13.01
N GLN B 190 2.36 -1.54 14.32
CA GLN B 190 3.63 -1.64 15.02
C GLN B 190 4.03 -3.09 15.27
N SER B 191 5.31 -3.32 15.57
CA SER B 191 5.74 -4.68 15.80
C SER B 191 5.01 -5.27 16.99
N SER B 192 4.46 -4.42 17.85
CA SER B 192 3.70 -4.91 18.99
C SER B 192 2.37 -5.52 18.55
N GLY B 193 1.89 -5.20 17.34
CA GLY B 193 0.59 -5.72 16.86
C GLY B 193 -0.56 -4.72 17.06
N LEU B 194 -0.19 -3.51 17.46
CA LEU B 194 -1.15 -2.46 17.69
C LEU B 194 -0.91 -1.36 16.65
N TYR B 195 -1.95 -0.65 16.30
CA TYR B 195 -1.75 0.38 15.30
C TYR B 195 -1.38 1.72 15.96
N SER B 196 -0.91 2.64 15.13
CA SER B 196 -0.61 3.96 15.62
C SER B 196 -0.69 4.90 14.46
N LEU B 197 -1.25 6.09 14.71
CA LEU B 197 -1.38 7.10 13.69
C LEU B 197 -1.29 8.53 14.22
N SER B 198 -0.94 9.43 13.34
CA SER B 198 -0.88 10.82 13.74
C SER B 198 -1.90 11.52 12.86
N SER B 199 -2.40 12.64 13.35
CA SER B 199 -3.32 13.52 12.63
C SER B 199 -2.77 14.90 12.93
N VAL B 200 -2.43 15.69 11.93
CA VAL B 200 -1.89 17.00 12.23
C VAL B 200 -2.70 18.07 11.50
N VAL B 201 -2.46 19.32 11.85
CA VAL B 201 -3.10 20.42 11.17
C VAL B 201 -2.15 21.61 11.17
N THR B 202 -2.08 22.28 10.03
CA THR B 202 -1.22 23.45 9.81
C THR B 202 -2.12 24.69 9.78
N VAL B 203 -1.69 25.75 10.46
CA VAL B 203 -2.48 26.98 10.52
C VAL B 203 -1.54 28.17 10.46
N PRO B 204 -2.09 29.38 10.11
CA PRO B 204 -1.24 30.59 10.04
C PRO B 204 -0.64 30.76 11.44
N SER B 205 0.67 30.97 11.49
CA SER B 205 1.35 31.07 12.80
C SER B 205 0.75 32.07 13.77
N SER B 206 -0.35 32.69 13.36
CA SER B 206 -1.05 33.66 14.17
C SER B 206 -2.27 33.03 14.87
N SER B 207 -2.94 32.11 14.17
CA SER B 207 -4.15 31.50 14.71
C SER B 207 -3.96 30.92 16.10
N LEU B 208 -2.73 30.54 16.40
CA LEU B 208 -2.42 29.98 17.70
C LEU B 208 -2.94 30.81 18.87
N GLN B 211 -7.64 31.46 18.30
CA GLN B 211 -8.28 30.17 17.93
C GLN B 211 -7.86 28.87 18.72
N THR B 212 -8.79 27.98 19.10
CA THR B 212 -8.39 26.74 19.81
C THR B 212 -8.47 25.48 18.91
N TYR B 213 -7.64 24.48 19.24
CA TYR B 213 -7.56 23.24 18.45
C TYR B 213 -7.77 21.97 19.27
N THR B 214 -8.82 21.24 18.96
CA THR B 214 -9.07 20.04 19.68
C THR B 214 -9.29 18.86 18.70
N CYS B 215 -8.59 17.74 18.88
CA CYS B 215 -8.79 16.61 17.97
C CYS B 215 -9.84 15.73 18.61
N ASN B 216 -10.81 15.24 17.82
CA ASN B 216 -11.85 14.35 18.34
C ASN B 216 -11.52 12.99 17.76
N VAL B 217 -11.18 12.06 18.64
CA VAL B 217 -10.75 10.71 18.27
C VAL B 217 -11.80 9.71 18.66
N ASN B 218 -12.10 8.77 17.79
CA ASN B 218 -13.13 7.78 18.13
C ASN B 218 -12.75 6.41 17.59
N HIS B 219 -12.58 5.44 18.48
CA HIS B 219 -12.26 4.07 18.08
C HIS B 219 -13.51 3.22 18.40
N LYS B 220 -14.41 3.07 17.43
CA LYS B 220 -15.66 2.32 17.67
C LYS B 220 -15.46 0.96 18.29
N PRO B 221 -14.54 0.16 17.75
CA PRO B 221 -14.27 -1.19 18.26
C PRO B 221 -14.18 -1.32 19.77
N SER B 222 -13.54 -0.36 20.43
CA SER B 222 -13.37 -0.41 21.90
C SER B 222 -14.25 0.58 22.68
N ASN B 223 -15.14 1.28 21.99
CA ASN B 223 -15.99 2.28 22.64
C ASN B 223 -15.07 3.26 23.34
N THR B 224 -14.20 3.92 22.59
CA THR B 224 -13.28 4.89 23.18
C THR B 224 -13.36 6.21 22.45
N LYS B 225 -14.00 7.22 23.03
CA LYS B 225 -14.03 8.55 22.40
C LYS B 225 -13.16 9.46 23.27
N VAL B 226 -12.39 10.33 22.63
CA VAL B 226 -11.51 11.20 23.36
C VAL B 226 -11.48 12.53 22.61
N ASP B 227 -11.52 13.65 23.34
CA ASP B 227 -11.36 14.94 22.71
C ASP B 227 -10.11 15.45 23.41
N LYS B 228 -9.11 15.87 22.65
CA LYS B 228 -7.88 16.38 23.25
C LYS B 228 -7.54 17.73 22.68
N ARG B 229 -7.58 18.74 23.52
CA ARG B 229 -7.28 20.10 23.11
C ARG B 229 -5.76 20.19 23.16
N VAL B 230 -5.19 20.74 22.10
CA VAL B 230 -3.76 20.84 21.98
C VAL B 230 -3.33 22.30 21.88
N GLU B 231 -2.37 22.71 22.66
CA GLU B 231 -1.95 24.11 22.51
C GLU B 231 -0.44 24.24 22.54
N PRO B 232 0.06 25.43 22.19
CA PRO B 232 1.50 25.73 22.18
C PRO B 232 2.19 25.75 23.56
N LYS B 233 2.24 24.58 24.22
CA LYS B 233 2.84 24.38 25.58
C LYS B 233 3.24 25.63 26.42
N SER B 234 4.40 25.59 27.09
CA SER B 234 4.90 26.71 27.91
C SER B 234 3.86 27.34 28.87
N CYS B 235 3.01 26.52 29.54
CA CYS B 235 1.90 26.89 30.52
C CYS B 235 0.65 27.61 29.91
N GLU C 1 9.80 -23.56 -13.53
CA GLU C 1 9.54 -24.35 -14.77
C GLU C 1 8.67 -23.55 -15.76
N ASN C 2 8.31 -24.15 -16.90
CA ASN C 2 7.47 -23.43 -17.91
C ASN C 2 5.99 -23.31 -17.49
N ASP C 3 5.33 -22.19 -17.82
CA ASP C 3 3.88 -22.03 -17.53
C ASP C 3 3.11 -23.22 -18.22
N LYS C 4 1.88 -23.47 -17.79
CA LYS C 4 1.03 -24.52 -18.38
C LYS C 4 0.95 -24.42 -19.92
N TRP C 5 0.93 -23.19 -20.42
CA TRP C 5 0.73 -23.00 -21.85
C TRP C 5 1.98 -22.66 -22.67
N ALA C 6 3.16 -22.73 -22.05
CA ALA C 6 4.40 -22.48 -22.75
C ALA C 6 4.91 -23.75 -23.43
N SER C 7 5.88 -23.58 -24.34
CA SER C 7 6.51 -24.69 -25.08
C SER C 7 7.29 -25.58 -24.07
#